data_6K5J
#
_entry.id   6K5J
#
_cell.length_a   84.230
_cell.length_b   84.230
_cell.length_c   157.805
_cell.angle_alpha   90.000
_cell.angle_beta   90.000
_cell.angle_gamma   90.000
#
_symmetry.space_group_name_H-M   'P 43 21 2'
#
loop_
_entity.id
_entity.type
_entity.pdbx_description
1 polymer 'GH3 beta-N-acetylglucosaminidase'
2 non-polymer 2-acetamido-2-deoxy-beta-D-glucopyranose
3 non-polymer GLYCEROL
4 water water
#
_entity_poly.entity_id   1
_entity_poly.type   'polypeptide(L)'
_entity_poly.pdbx_seq_one_letter_code
;MTNPVFNGKALTLKQKVGQLVMAGFNGLEASDDARKLITEDHVGGIIYFRRNLAEPAQVAKLSAELQQIAAESDNVPLLI
SIDQEGGMVTRLENGVTVVPGNMALGAAGDAELAYEAAHIIGSELRALGINMNFAPSLDINNNPGNPVIGVRSYGGTAEL
VARLGTEAVRGFQDAGVAATVKHFPGHGDTGEDSHHALPTVPHARERLDRLELAPFREAIARGVDAVMTAHVLFPAVEPE
KLPATLSSNVIEGLLRGELGYDGVVVTD(CSD)LEMNAISKFYGVGEGAVQAVEAGADLILVSHRYERQKAALDALLAAV
ESGRISEERIDRSVGRLLALKQRRAVDAGAAVTLSSGDTLVTDEKTELVERISEKSITLLRSEGEFTLDKTKPVLVVWPE
VRVGSEVDEVLPRKETLGYWLKSAGYDVNEQTIGVQPTEEEVAHIQELSGQISQVVVVSYNAIFSPDQAALIEALAAKPD
VQLIVASARNPFDINALPTVKTFFAAYENTPSAMRALALVLTGQIAVQGTLPAPLTVTV
;
_entity_poly.pdbx_strand_id   A
#
loop_
_chem_comp.id
_chem_comp.type
_chem_comp.name
_chem_comp.formula
GOL non-polymer GLYCEROL 'C3 H8 O3'
NAG D-saccharide, beta linking 2-acetamido-2-deoxy-beta-D-glucopyranose 'C8 H15 N O6'
#
# COMPACT_ATOMS: atom_id res chain seq x y z
N ALA A 10 20.23 30.41 -3.81
CA ALA A 10 21.32 29.45 -3.73
C ALA A 10 21.38 28.85 -2.33
N LEU A 11 21.33 27.52 -2.27
CA LEU A 11 21.22 26.81 -1.00
C LEU A 11 22.59 26.61 -0.37
N THR A 12 22.62 26.69 0.96
CA THR A 12 23.81 26.28 1.71
C THR A 12 23.96 24.77 1.65
N LEU A 13 25.15 24.30 2.05
CA LEU A 13 25.39 22.86 2.11
C LEU A 13 24.40 22.18 3.03
N LYS A 14 24.10 22.79 4.19
CA LYS A 14 23.16 22.16 5.11
C LYS A 14 21.76 22.11 4.52
N GLN A 15 21.37 23.14 3.76
CA GLN A 15 20.07 23.10 3.09
C GLN A 15 20.05 22.03 1.99
N LYS A 16 21.14 21.89 1.25
CA LYS A 16 21.18 20.86 0.20
C LYS A 16 21.07 19.48 0.82
N VAL A 17 21.81 19.23 1.90
CA VAL A 17 21.74 17.92 2.54
C VAL A 17 20.35 17.68 3.09
N GLY A 18 19.73 18.70 3.69
CA GLY A 18 18.38 18.55 4.21
C GLY A 18 17.36 18.18 3.15
N GLN A 19 17.54 18.69 1.92
CA GLN A 19 16.63 18.35 0.83
C GLN A 19 16.56 16.85 0.59
N LEU A 20 17.63 16.12 0.93
CA LEU A 20 17.72 14.69 0.66
C LEU A 20 16.99 13.83 1.68
N VAL A 21 16.30 14.41 2.66
CA VAL A 21 15.69 13.63 3.74
C VAL A 21 14.19 13.91 3.79
N MET A 22 13.39 12.85 3.91
CA MET A 22 11.98 12.96 4.21
C MET A 22 11.73 12.31 5.56
N ALA A 23 11.06 13.04 6.46
CA ALA A 23 10.92 12.60 7.84
C ALA A 23 9.44 12.59 8.23
N GLY A 24 9.11 11.71 9.18
CA GLY A 24 7.82 11.74 9.83
C GLY A 24 7.92 12.39 11.20
N PHE A 25 6.75 12.57 11.81
CA PHE A 25 6.67 13.21 13.12
C PHE A 25 5.33 12.83 13.73
N ASN A 26 5.20 13.08 15.01
CA ASN A 26 3.93 12.84 15.70
C ASN A 26 3.20 14.17 15.90
N GLY A 27 1.96 14.23 15.44
CA GLY A 27 1.16 15.43 15.67
C GLY A 27 -0.01 15.58 14.73
N LEU A 28 -1.14 16.06 15.25
CA LEU A 28 -2.24 16.56 14.45
C LEU A 28 -2.03 18.01 14.03
N GLU A 29 -1.21 18.74 14.79
CA GLU A 29 -0.63 20.02 14.41
C GLU A 29 0.88 19.82 14.40
N ALA A 30 1.61 20.77 13.79
CA ALA A 30 3.06 20.61 13.69
C ALA A 30 3.66 20.53 15.09
N SER A 31 4.50 19.53 15.31
CA SER A 31 5.17 19.39 16.60
C SER A 31 6.45 20.20 16.63
N ASP A 32 7.04 20.31 17.83
CA ASP A 32 8.36 20.95 17.96
C ASP A 32 9.42 20.20 17.15
N ASP A 33 9.33 18.87 17.10
CA ASP A 33 10.26 18.11 16.27
C ASP A 33 10.08 18.48 14.79
N ALA A 34 8.83 18.60 14.35
CA ALA A 34 8.59 18.96 12.95
C ALA A 34 9.14 20.36 12.66
N ARG A 35 8.98 21.28 13.60
CA ARG A 35 9.46 22.65 13.42
C ARG A 35 10.98 22.69 13.30
N LYS A 36 11.69 21.91 14.12
CA LYS A 36 13.14 21.88 14.07
C LYS A 36 13.66 21.16 12.82
N LEU A 37 13.00 20.08 12.42
CA LEU A 37 13.35 19.40 11.17
C LEU A 37 13.28 20.37 9.99
N ILE A 38 12.23 21.20 9.96
CA ILE A 38 12.04 22.10 8.83
C ILE A 38 12.98 23.29 8.94
N THR A 39 13.00 23.96 10.10
CA THR A 39 13.71 25.24 10.20
C THR A 39 15.20 25.06 10.51
N GLU A 40 15.57 24.03 11.26
CA GLU A 40 16.97 23.85 11.61
C GLU A 40 17.67 22.80 10.77
N ASP A 41 17.00 21.72 10.42
CA ASP A 41 17.62 20.70 9.59
C ASP A 41 17.27 20.82 8.11
N HIS A 42 16.36 21.72 7.76
CA HIS A 42 16.06 22.04 6.36
C HIS A 42 15.56 20.83 5.59
N VAL A 43 14.76 19.97 6.25
CA VAL A 43 14.32 18.75 5.58
C VAL A 43 13.53 19.09 4.33
N GLY A 44 13.62 18.20 3.34
CA GLY A 44 12.97 18.43 2.06
C GLY A 44 11.55 17.92 2.01
N GLY A 45 11.21 17.00 2.91
CA GLY A 45 9.91 16.34 2.84
C GLY A 45 9.42 15.86 4.19
N ILE A 46 8.10 15.67 4.25
CA ILE A 46 7.39 15.12 5.40
C ILE A 46 6.56 13.94 4.91
N ILE A 47 6.55 12.84 5.67
CA ILE A 47 5.64 11.73 5.41
C ILE A 47 4.64 11.64 6.55
N TYR A 48 3.36 11.50 6.20
CA TYR A 48 2.27 11.34 7.17
C TYR A 48 2.00 9.86 7.45
N PHE A 49 1.64 9.57 8.70
CA PHE A 49 1.05 8.29 9.10
C PHE A 49 -0.29 8.53 9.78
N ARG A 50 -0.95 7.44 10.19
CA ARG A 50 -2.27 7.52 10.82
C ARG A 50 -2.29 8.51 11.99
N ARG A 51 -1.18 8.59 12.74
CA ARG A 51 -1.07 9.50 13.88
C ARG A 51 -1.22 10.97 13.50
N ASN A 52 -0.99 11.32 12.23
CA ASN A 52 -1.14 12.70 11.78
C ASN A 52 -2.49 12.98 11.16
N LEU A 53 -3.37 11.98 11.05
CA LEU A 53 -4.53 12.07 10.15
C LEU A 53 -5.81 11.75 10.92
N ALA A 54 -6.49 12.79 11.40
CA ALA A 54 -7.76 12.62 12.09
C ALA A 54 -8.95 12.88 11.17
N GLU A 55 -8.99 14.03 10.49
CA GLU A 55 -10.10 14.32 9.58
C GLU A 55 -9.62 15.32 8.53
N PRO A 56 -10.33 15.43 7.39
CA PRO A 56 -9.84 16.30 6.30
C PRO A 56 -9.49 17.73 6.69
N ALA A 57 -10.36 18.41 7.46
CA ALA A 57 -10.08 19.79 7.82
C ALA A 57 -8.78 19.90 8.60
N GLN A 58 -8.54 18.95 9.51
CA GLN A 58 -7.32 18.97 10.30
C GLN A 58 -6.08 18.68 9.45
N VAL A 59 -6.19 17.75 8.49
CA VAL A 59 -5.03 17.41 7.66
C VAL A 59 -4.67 18.59 6.76
N ALA A 60 -5.67 19.18 6.11
CA ALA A 60 -5.43 20.35 5.27
C ALA A 60 -4.79 21.48 6.08
N LYS A 61 -5.28 21.71 7.30
CA LYS A 61 -4.66 22.71 8.16
C LYS A 61 -3.21 22.36 8.47
N LEU A 62 -2.95 21.08 8.74
CA LEU A 62 -1.60 20.66 9.09
C LEU A 62 -0.64 20.81 7.92
N SER A 63 -1.05 20.42 6.72
CA SER A 63 -0.19 20.61 5.56
C SER A 63 0.11 22.08 5.33
N ALA A 64 -0.91 22.93 5.45
CA ALA A 64 -0.68 24.36 5.23
C ALA A 64 0.24 24.93 6.31
N GLU A 65 0.10 24.44 7.56
CA GLU A 65 0.98 24.87 8.64
C GLU A 65 2.42 24.50 8.36
N LEU A 66 2.66 23.24 7.95
CA LEU A 66 4.03 22.82 7.65
C LEU A 66 4.63 23.67 6.54
N GLN A 67 3.85 23.95 5.49
CA GLN A 67 4.36 24.79 4.41
C GLN A 67 4.61 26.21 4.88
N GLN A 68 3.78 26.71 5.78
CA GLN A 68 3.99 28.05 6.32
C GLN A 68 5.26 28.12 7.15
N ILE A 69 5.52 27.08 7.95
CA ILE A 69 6.74 27.02 8.73
C ILE A 69 7.96 27.06 7.83
N ALA A 70 7.91 26.33 6.71
CA ALA A 70 9.02 26.35 5.78
C ALA A 70 9.13 27.72 5.10
N ALA A 71 7.99 28.28 4.69
CA ALA A 71 8.04 29.55 3.96
C ALA A 71 8.57 30.66 4.83
N GLU A 72 8.09 30.73 6.08
CA GLU A 72 8.46 31.81 6.98
C GLU A 72 9.89 31.70 7.47
N SER A 73 10.52 30.54 7.34
CA SER A 73 11.93 30.34 7.68
C SER A 73 12.82 30.30 6.46
N ASP A 74 12.31 30.72 5.30
CA ASP A 74 13.06 30.81 4.04
C ASP A 74 13.63 29.46 3.64
N ASN A 75 12.84 28.40 3.81
CA ASN A 75 13.21 27.08 3.34
C ASN A 75 12.40 26.70 2.10
N VAL A 76 12.95 25.76 1.35
CA VAL A 76 12.28 25.29 0.12
C VAL A 76 10.92 24.69 0.48
N PRO A 77 9.87 24.89 -0.33
CA PRO A 77 8.59 24.23 -0.04
C PRO A 77 8.74 22.73 0.05
N LEU A 78 7.85 22.09 0.82
CA LEU A 78 8.00 20.70 1.19
C LEU A 78 7.25 19.76 0.26
N LEU A 79 7.87 18.61 -0.01
CA LEU A 79 7.09 17.44 -0.39
C LEU A 79 6.39 16.87 0.85
N ILE A 80 5.12 16.50 0.69
CA ILE A 80 4.34 15.92 1.76
C ILE A 80 3.72 14.64 1.21
N SER A 81 4.15 13.50 1.74
CA SER A 81 3.80 12.20 1.20
C SER A 81 3.02 11.36 2.23
N ILE A 82 2.69 10.15 1.82
CA ILE A 82 1.76 9.29 2.56
C ILE A 82 1.76 7.93 1.86
N ASP A 83 1.39 6.87 2.59
CA ASP A 83 1.17 5.55 1.98
C ASP A 83 -0.34 5.32 1.77
N GLN A 84 -0.90 6.04 0.80
CA GLN A 84 -2.32 5.91 0.49
C GLN A 84 -2.48 5.08 -0.80
N GLU A 85 -2.22 3.77 -0.65
CA GLU A 85 -2.23 2.86 -1.80
C GLU A 85 -3.65 2.54 -2.26
N GLY A 86 -4.60 2.50 -1.34
CA GLY A 86 -5.95 2.05 -1.62
C GLY A 86 -6.21 0.69 -0.99
N GLY A 87 -7.50 0.32 -0.95
CA GLY A 87 -7.87 -0.97 -0.41
C GLY A 87 -7.35 -1.30 1.00
N MET A 88 -6.38 -2.20 1.11
CA MET A 88 -5.93 -2.64 2.43
C MET A 88 -4.76 -1.83 2.97
N VAL A 89 -4.24 -0.84 2.25
CA VAL A 89 -3.17 0.02 2.76
C VAL A 89 -3.64 1.46 2.55
N THR A 90 -4.27 2.01 3.57
CA THR A 90 -4.58 3.43 3.62
C THR A 90 -4.22 3.94 5.01
N ARG A 91 -3.94 5.24 5.11
CA ARG A 91 -3.66 5.87 6.39
C ARG A 91 -4.78 6.76 6.88
N LEU A 92 -5.70 7.13 5.99
CA LEU A 92 -6.87 7.95 6.34
C LEU A 92 -8.07 7.38 5.62
N GLU A 93 -9.12 7.07 6.38
CA GLU A 93 -10.42 6.75 5.82
C GLU A 93 -11.52 7.69 6.28
N ASN A 94 -11.33 8.43 7.37
CA ASN A 94 -12.37 9.30 7.87
C ASN A 94 -12.50 10.51 6.97
N GLY A 95 -13.69 10.69 6.36
CA GLY A 95 -13.92 11.86 5.53
C GLY A 95 -13.38 11.80 4.13
N VAL A 96 -12.87 10.65 3.69
CA VAL A 96 -12.38 10.46 2.33
C VAL A 96 -12.97 9.17 1.78
N THR A 97 -12.92 9.04 0.45
CA THR A 97 -13.40 7.85 -0.21
C THR A 97 -12.47 6.68 0.06
N VAL A 98 -13.03 5.54 0.46
CA VAL A 98 -12.26 4.32 0.57
C VAL A 98 -12.26 3.68 -0.82
N VAL A 99 -11.10 3.66 -1.46
CA VAL A 99 -10.97 3.28 -2.86
C VAL A 99 -10.51 1.82 -2.90
N PRO A 100 -10.97 1.01 -3.85
CA PRO A 100 -10.46 -0.37 -3.97
C PRO A 100 -8.96 -0.40 -4.18
N GLY A 101 -8.33 -1.45 -3.65
CA GLY A 101 -6.90 -1.60 -3.70
C GLY A 101 -6.46 -2.40 -4.92
N ASN A 102 -5.15 -2.62 -5.00
CA ASN A 102 -4.55 -3.06 -6.26
C ASN A 102 -5.09 -4.40 -6.72
N MET A 103 -5.07 -5.42 -5.86
CA MET A 103 -5.47 -6.72 -6.38
C MET A 103 -6.97 -6.78 -6.67
N ALA A 104 -7.78 -6.02 -5.93
CA ALA A 104 -9.18 -5.88 -6.30
C ALA A 104 -9.32 -5.27 -7.69
N LEU A 105 -8.51 -4.25 -7.99
CA LEU A 105 -8.54 -3.66 -9.32
C LEU A 105 -8.04 -4.64 -10.38
N GLY A 106 -7.01 -5.42 -10.04
CA GLY A 106 -6.49 -6.42 -10.99
C GLY A 106 -7.53 -7.47 -11.36
N ALA A 107 -8.34 -7.90 -10.38
CA ALA A 107 -9.37 -8.89 -10.67
C ALA A 107 -10.48 -8.33 -11.56
N ALA A 108 -10.76 -7.02 -11.45
CA ALA A 108 -11.71 -6.41 -12.37
C ALA A 108 -11.12 -6.27 -13.78
N GLY A 109 -9.80 -6.16 -13.89
CA GLY A 109 -9.10 -6.27 -15.16
C GLY A 109 -9.08 -5.04 -16.04
N ASP A 110 -9.53 -3.89 -15.54
CA ASP A 110 -9.82 -2.72 -16.38
C ASP A 110 -8.87 -1.59 -16.02
N ALA A 111 -7.99 -1.21 -16.96
CA ALA A 111 -7.02 -0.15 -16.66
C ALA A 111 -7.70 1.18 -16.41
N GLU A 112 -8.84 1.43 -17.05
CA GLU A 112 -9.57 2.67 -16.83
C GLU A 112 -10.04 2.81 -15.38
N LEU A 113 -10.36 1.70 -14.72
CA LEU A 113 -10.80 1.79 -13.34
C LEU A 113 -9.64 2.07 -12.40
N ALA A 114 -8.44 1.59 -12.75
CA ALA A 114 -7.27 1.93 -11.94
C ALA A 114 -6.97 3.42 -12.06
N TYR A 115 -7.15 4.00 -13.25
CA TYR A 115 -7.03 5.45 -13.37
C TYR A 115 -8.02 6.16 -12.46
N GLU A 116 -9.29 5.79 -12.54
CA GLU A 116 -10.30 6.52 -11.78
C GLU A 116 -10.08 6.35 -10.29
N ALA A 117 -9.71 5.13 -9.85
CA ALA A 117 -9.42 4.91 -8.44
C ALA A 117 -8.28 5.81 -7.97
N ALA A 118 -7.20 5.85 -8.75
CA ALA A 118 -6.04 6.67 -8.37
C ALA A 118 -6.38 8.14 -8.44
N HIS A 119 -7.21 8.55 -9.41
CA HIS A 119 -7.54 9.97 -9.51
C HIS A 119 -8.40 10.43 -8.33
N ILE A 120 -9.30 9.57 -7.84
CA ILE A 120 -10.03 9.92 -6.63
C ILE A 120 -9.07 10.07 -5.45
N ILE A 121 -8.20 9.08 -5.24
CA ILE A 121 -7.22 9.19 -4.16
C ILE A 121 -6.42 10.48 -4.29
N GLY A 122 -5.91 10.73 -5.49
CA GLY A 122 -5.02 11.87 -5.67
C GLY A 122 -5.74 13.20 -5.53
N SER A 123 -6.97 13.28 -6.03
CA SER A 123 -7.76 14.50 -5.89
C SER A 123 -8.00 14.82 -4.43
N GLU A 124 -8.35 13.81 -3.64
CA GLU A 124 -8.61 14.03 -2.24
C GLU A 124 -7.32 14.33 -1.47
N LEU A 125 -6.22 13.66 -1.80
CA LEU A 125 -4.96 13.97 -1.14
C LEU A 125 -4.55 15.41 -1.40
N ARG A 126 -4.63 15.84 -2.67
CA ARG A 126 -4.20 17.20 -3.01
C ARG A 126 -5.05 18.24 -2.30
N ALA A 127 -6.35 17.97 -2.15
CA ALA A 127 -7.21 18.85 -1.37
C ALA A 127 -6.78 18.96 0.08
N LEU A 128 -6.03 17.98 0.58
CA LEU A 128 -5.52 18.01 1.95
C LEU A 128 -4.10 18.56 2.03
N GLY A 129 -3.55 19.09 0.94
CA GLY A 129 -2.20 19.60 0.95
C GLY A 129 -1.14 18.53 0.79
N ILE A 130 -1.53 17.30 0.51
CA ILE A 130 -0.60 16.21 0.24
C ILE A 130 -0.29 16.18 -1.25
N ASN A 131 0.99 16.22 -1.60
CA ASN A 131 1.39 16.39 -3.00
C ASN A 131 2.24 15.23 -3.50
N MET A 132 2.37 14.16 -2.72
CA MET A 132 3.14 13.00 -3.10
C MET A 132 2.47 11.77 -2.47
N ASN A 133 2.53 10.65 -3.18
CA ASN A 133 1.96 9.40 -2.67
C ASN A 133 2.97 8.30 -2.91
N PHE A 134 3.20 7.47 -1.91
CA PHE A 134 4.07 6.32 -2.12
C PHE A 134 3.22 5.18 -2.69
N ALA A 135 2.88 5.36 -3.95
CA ALA A 135 2.00 4.48 -4.71
C ALA A 135 2.11 4.87 -6.17
N PRO A 136 1.80 3.92 -7.10
CA PRO A 136 1.34 2.55 -6.85
C PRO A 136 2.48 1.56 -6.68
N SER A 137 2.22 0.49 -5.93
CA SER A 137 3.06 -0.69 -6.06
C SER A 137 2.98 -1.24 -7.48
N LEU A 138 4.14 -1.43 -8.11
CA LEU A 138 4.27 -2.19 -9.35
C LEU A 138 4.86 -3.56 -9.10
N ASP A 139 4.82 -4.03 -7.85
CA ASP A 139 5.27 -5.38 -7.57
C ASP A 139 4.32 -6.39 -8.19
N ILE A 140 4.88 -7.49 -8.67
CA ILE A 140 4.13 -8.55 -9.35
C ILE A 140 4.10 -9.75 -8.41
N ASN A 141 2.94 -10.03 -7.82
CA ASN A 141 2.83 -11.05 -6.78
C ASN A 141 2.66 -12.43 -7.42
N ASN A 142 3.78 -12.92 -7.96
CA ASN A 142 3.84 -14.24 -8.58
C ASN A 142 4.13 -15.35 -7.56
N ASN A 143 4.33 -14.99 -6.30
CA ASN A 143 4.55 -15.96 -5.22
C ASN A 143 3.40 -15.87 -4.23
N PRO A 144 2.52 -16.88 -4.14
CA PRO A 144 1.36 -16.77 -3.24
C PRO A 144 1.76 -16.68 -1.78
N GLY A 145 2.96 -17.14 -1.41
CA GLY A 145 3.51 -17.02 -0.08
C GLY A 145 4.05 -15.65 0.30
N ASN A 146 4.06 -14.69 -0.62
CA ASN A 146 4.66 -13.39 -0.33
C ASN A 146 4.01 -12.77 0.90
N PRO A 147 4.76 -12.52 1.99
CA PRO A 147 4.14 -12.07 3.24
C PRO A 147 3.98 -10.56 3.35
N VAL A 148 4.47 -9.78 2.40
CA VAL A 148 4.42 -8.33 2.54
C VAL A 148 3.70 -7.64 1.37
N ILE A 149 3.60 -8.25 0.20
CA ILE A 149 2.90 -7.62 -0.92
C ILE A 149 1.45 -8.13 -0.95
N GLY A 150 1.22 -9.32 -1.49
CA GLY A 150 -0.14 -9.86 -1.46
C GLY A 150 -1.09 -8.98 -2.25
N VAL A 151 -2.21 -8.60 -1.64
CA VAL A 151 -3.23 -7.81 -2.37
C VAL A 151 -2.76 -6.38 -2.68
N ARG A 152 -1.58 -6.00 -2.19
CA ARG A 152 -1.02 -4.72 -2.58
C ARG A 152 -0.53 -4.71 -4.03
N SER A 153 -0.43 -5.87 -4.68
CA SER A 153 -0.08 -5.99 -6.08
C SER A 153 -1.34 -6.15 -6.92
N TYR A 154 -1.33 -5.59 -8.14
CA TYR A 154 -2.48 -5.82 -9.03
C TYR A 154 -2.61 -7.30 -9.39
N GLY A 155 -1.51 -8.03 -9.48
CA GLY A 155 -1.62 -9.42 -9.86
C GLY A 155 -0.26 -10.00 -10.22
N GLY A 156 -0.30 -11.19 -10.79
CA GLY A 156 0.88 -12.01 -11.01
C GLY A 156 1.49 -11.98 -12.40
N THR A 157 1.05 -11.08 -13.29
CA THR A 157 1.68 -10.97 -14.60
C THR A 157 2.19 -9.56 -14.80
N ALA A 158 3.30 -9.46 -15.54
CA ALA A 158 3.84 -8.15 -15.88
C ALA A 158 2.85 -7.34 -16.70
N GLU A 159 2.11 -8.00 -17.59
CA GLU A 159 1.19 -7.27 -18.48
C GLU A 159 0.10 -6.58 -17.69
N LEU A 160 -0.54 -7.30 -16.76
CA LEU A 160 -1.63 -6.71 -15.99
C LEU A 160 -1.13 -5.58 -15.09
N VAL A 161 -0.01 -5.82 -14.40
CA VAL A 161 0.54 -4.81 -13.49
C VAL A 161 0.97 -3.57 -14.26
N ALA A 162 1.59 -3.74 -15.44
CA ALA A 162 1.98 -2.57 -16.22
C ALA A 162 0.77 -1.81 -16.72
N ARG A 163 -0.24 -2.52 -17.20
CA ARG A 163 -1.40 -1.88 -17.81
C ARG A 163 -2.17 -1.07 -16.78
N LEU A 164 -2.41 -1.64 -15.61
CA LEU A 164 -3.15 -0.92 -14.57
C LEU A 164 -2.23 0.08 -13.85
N GLY A 165 -0.97 -0.31 -13.62
CA GLY A 165 -0.09 0.53 -12.84
C GLY A 165 0.24 1.86 -13.50
N THR A 166 0.45 1.86 -14.82
CA THR A 166 0.75 3.15 -15.46
C THR A 166 -0.47 4.06 -15.47
N GLU A 167 -1.67 3.49 -15.55
CA GLU A 167 -2.87 4.32 -15.44
C GLU A 167 -3.04 4.86 -14.03
N ALA A 168 -2.66 4.10 -13.01
CA ALA A 168 -2.69 4.64 -11.65
C ALA A 168 -1.74 5.81 -11.50
N VAL A 169 -0.52 5.67 -12.04
CA VAL A 169 0.44 6.79 -12.06
C VAL A 169 -0.20 8.02 -12.68
N ARG A 170 -0.84 7.85 -13.84
CA ARG A 170 -1.45 8.99 -14.53
C ARG A 170 -2.58 9.60 -13.71
N GLY A 171 -3.41 8.77 -13.07
CA GLY A 171 -4.48 9.30 -12.23
C GLY A 171 -3.96 10.11 -11.06
N PHE A 172 -2.91 9.61 -10.39
CA PHE A 172 -2.29 10.39 -9.31
C PHE A 172 -1.73 11.71 -9.84
N GLN A 173 -0.94 11.65 -10.91
CA GLN A 173 -0.23 12.85 -11.35
C GLN A 173 -1.17 13.84 -12.04
N ASP A 174 -2.22 13.37 -12.71
CA ASP A 174 -3.24 14.26 -13.25
C ASP A 174 -3.90 15.08 -12.14
N ALA A 175 -4.00 14.52 -10.94
CA ALA A 175 -4.60 15.20 -9.80
C ALA A 175 -3.60 16.07 -9.05
N GLY A 176 -2.36 16.17 -9.52
CA GLY A 176 -1.38 17.00 -8.86
C GLY A 176 -0.62 16.31 -7.74
N VAL A 177 -0.59 14.98 -7.71
CA VAL A 177 0.13 14.24 -6.68
C VAL A 177 1.23 13.44 -7.36
N ALA A 178 2.48 13.66 -6.93
CA ALA A 178 3.59 12.88 -7.46
C ALA A 178 3.41 11.41 -7.15
N ALA A 179 3.44 10.57 -8.17
CA ALA A 179 3.39 9.13 -7.97
C ALA A 179 4.79 8.58 -7.71
N THR A 180 4.85 7.53 -6.88
CA THR A 180 6.09 6.87 -6.53
C THR A 180 5.90 5.37 -6.76
N VAL A 181 6.35 4.86 -7.91
CA VAL A 181 6.20 3.42 -8.15
C VAL A 181 7.20 2.67 -7.27
N LYS A 182 6.76 1.52 -6.75
CA LYS A 182 7.55 0.78 -5.76
C LYS A 182 7.24 -0.70 -5.91
N HIS A 183 8.14 -1.58 -5.45
CA HIS A 183 9.43 -1.31 -4.81
C HIS A 183 10.52 -1.82 -5.76
N PHE A 184 11.24 -0.90 -6.39
CA PHE A 184 12.14 -1.25 -7.49
C PHE A 184 13.35 -2.04 -6.99
N PRO A 185 13.79 -3.09 -7.72
CA PRO A 185 13.27 -3.54 -9.02
C PRO A 185 12.15 -4.58 -8.97
N GLY A 186 11.51 -4.76 -7.82
CA GLY A 186 10.36 -5.66 -7.78
C GLY A 186 10.38 -6.59 -6.59
N HIS A 187 9.43 -6.42 -5.68
CA HIS A 187 9.34 -7.14 -4.41
C HIS A 187 8.34 -8.30 -4.46
N GLY A 188 7.74 -8.59 -5.62
CA GLY A 188 6.62 -9.51 -5.66
C GLY A 188 6.97 -10.98 -5.48
N ASP A 189 8.21 -11.35 -5.75
CA ASP A 189 8.63 -12.75 -5.68
C ASP A 189 9.06 -13.19 -4.28
N THR A 190 9.29 -12.25 -3.37
CA THR A 190 9.96 -12.56 -2.10
C THR A 190 9.09 -13.43 -1.22
N GLY A 191 9.69 -14.48 -0.65
CA GLY A 191 9.06 -15.20 0.43
C GLY A 191 9.33 -14.62 1.80
N GLU A 192 10.16 -13.58 1.89
CA GLU A 192 10.48 -12.93 3.14
C GLU A 192 10.14 -11.45 3.08
N ASP A 193 9.95 -10.87 4.26
CA ASP A 193 9.46 -9.51 4.42
C ASP A 193 10.65 -8.61 4.77
N SER A 194 10.88 -7.58 3.95
CA SER A 194 12.01 -6.69 4.21
C SER A 194 11.81 -5.83 5.46
N HIS A 195 10.62 -5.82 6.06
CA HIS A 195 10.46 -5.21 7.38
C HIS A 195 11.28 -5.95 8.44
N HIS A 196 11.45 -7.27 8.27
CA HIS A 196 11.97 -8.11 9.33
C HIS A 196 13.26 -8.82 8.97
N ALA A 197 13.57 -8.96 7.68
CA ALA A 197 14.72 -9.72 7.22
C ALA A 197 15.25 -9.06 5.96
N LEU A 198 16.34 -9.61 5.42
CA LEU A 198 16.93 -9.17 4.16
C LEU A 198 16.60 -10.21 3.09
N PRO A 199 15.52 -10.02 2.34
CA PRO A 199 15.10 -11.04 1.37
C PRO A 199 16.00 -11.07 0.15
N THR A 200 15.97 -12.20 -0.55
CA THR A 200 16.70 -12.39 -1.79
C THR A 200 15.72 -12.79 -2.89
N VAL A 201 15.87 -12.18 -4.06
CA VAL A 201 15.25 -12.64 -5.30
C VAL A 201 16.39 -13.18 -6.15
N PRO A 202 16.57 -14.50 -6.23
CA PRO A 202 17.80 -15.05 -6.80
C PRO A 202 17.82 -15.23 -8.32
N HIS A 203 16.75 -14.86 -9.01
CA HIS A 203 16.56 -15.27 -10.39
C HIS A 203 17.54 -14.59 -11.34
N ALA A 204 17.73 -15.23 -12.49
CA ALA A 204 18.61 -14.73 -13.53
C ALA A 204 18.03 -13.47 -14.16
N ARG A 205 18.93 -12.72 -14.82
CA ARG A 205 18.57 -11.46 -15.43
C ARG A 205 17.43 -11.63 -16.44
N GLU A 206 17.41 -12.73 -17.20
CA GLU A 206 16.33 -12.92 -18.17
C GLU A 206 14.96 -12.89 -17.49
N ARG A 207 14.89 -13.43 -16.27
CA ARG A 207 13.61 -13.45 -15.59
C ARG A 207 13.26 -12.06 -15.09
N LEU A 208 14.24 -11.33 -14.53
CA LEU A 208 13.99 -9.96 -14.09
C LEU A 208 13.56 -9.08 -15.25
N ASP A 209 14.16 -9.27 -16.43
CA ASP A 209 13.82 -8.43 -17.59
C ASP A 209 12.39 -8.67 -18.05
N ARG A 210 11.92 -9.91 -17.99
CA ARG A 210 10.60 -10.20 -18.52
C ARG A 210 9.50 -10.06 -17.48
N LEU A 211 9.83 -10.08 -16.21
CA LEU A 211 8.81 -10.01 -15.17
C LEU A 211 8.99 -8.75 -14.32
N GLU A 212 9.86 -8.84 -13.30
CA GLU A 212 10.01 -7.77 -12.29
C GLU A 212 10.13 -6.38 -12.91
N LEU A 213 11.05 -6.21 -13.87
CA LEU A 213 11.38 -4.88 -14.38
C LEU A 213 10.32 -4.32 -15.34
N ALA A 214 9.50 -5.18 -15.96
CA ALA A 214 8.65 -4.74 -17.06
C ALA A 214 7.69 -3.62 -16.69
N PRO A 215 6.94 -3.68 -15.58
CA PRO A 215 6.03 -2.55 -15.30
C PRO A 215 6.77 -1.28 -14.93
N PHE A 216 7.94 -1.38 -14.29
CA PHE A 216 8.73 -0.17 -14.02
C PHE A 216 9.19 0.48 -15.32
N ARG A 217 9.62 -0.31 -16.30
CA ARG A 217 10.00 0.23 -17.61
C ARG A 217 8.85 0.99 -18.24
N GLU A 218 7.64 0.41 -18.20
CA GLU A 218 6.49 1.06 -18.81
C GLU A 218 6.15 2.36 -18.10
N ALA A 219 6.24 2.39 -16.76
CA ALA A 219 5.98 3.60 -16.01
C ALA A 219 7.01 4.68 -16.32
N ILE A 220 8.28 4.29 -16.35
CA ILE A 220 9.35 5.24 -16.66
C ILE A 220 9.17 5.82 -18.05
N ALA A 221 8.84 4.96 -19.03
CA ALA A 221 8.63 5.43 -20.40
C ALA A 221 7.53 6.48 -20.48
N ARG A 222 6.46 6.32 -19.70
CA ARG A 222 5.34 7.25 -19.79
C ARG A 222 5.50 8.47 -18.92
N GLY A 223 6.46 8.48 -18.00
CA GLY A 223 6.67 9.62 -17.15
C GLY A 223 6.17 9.39 -15.73
N VAL A 224 7.08 9.10 -14.80
CA VAL A 224 6.71 8.89 -13.41
C VAL A 224 7.59 9.76 -12.52
N ASP A 225 6.96 10.42 -11.54
CA ASP A 225 7.66 11.43 -10.75
C ASP A 225 8.73 10.84 -9.85
N ALA A 226 8.52 9.63 -9.34
CA ALA A 226 9.46 9.06 -8.38
C ALA A 226 9.40 7.54 -8.45
N VAL A 227 10.51 6.91 -8.04
CA VAL A 227 10.66 5.47 -7.90
C VAL A 227 11.21 5.19 -6.51
N MET A 228 10.57 4.29 -5.77
CA MET A 228 11.08 3.84 -4.46
C MET A 228 11.74 2.47 -4.60
N THR A 229 12.87 2.30 -3.90
CA THR A 229 13.62 1.07 -4.01
C THR A 229 13.08 0.00 -3.05
N ALA A 230 13.56 -1.23 -3.24
CA ALA A 230 13.28 -2.36 -2.36
C ALA A 230 14.54 -2.75 -1.57
N HIS A 231 14.36 -3.03 -0.27
CA HIS A 231 15.46 -3.52 0.57
C HIS A 231 15.65 -5.02 0.36
N VAL A 232 15.96 -5.40 -0.88
CA VAL A 232 15.97 -6.80 -1.30
C VAL A 232 17.25 -7.05 -2.12
N LEU A 233 17.88 -8.20 -1.90
CA LEU A 233 19.07 -8.59 -2.66
C LEU A 233 18.67 -9.16 -4.02
N PHE A 234 19.38 -8.72 -5.06
CA PHE A 234 19.20 -9.24 -6.43
C PHE A 234 20.59 -9.65 -6.94
N PRO A 235 21.03 -10.86 -6.61
CA PRO A 235 22.39 -11.29 -7.02
C PRO A 235 22.65 -11.27 -8.52
N ALA A 236 21.61 -11.36 -9.37
CA ALA A 236 21.86 -11.27 -10.81
C ALA A 236 22.29 -9.87 -11.22
N VAL A 237 21.99 -8.87 -10.41
CA VAL A 237 22.36 -7.48 -10.68
C VAL A 237 23.52 -7.03 -9.81
N GLU A 238 23.49 -7.38 -8.53
CA GLU A 238 24.45 -6.91 -7.54
C GLU A 238 25.16 -8.10 -6.91
N PRO A 239 26.44 -8.32 -7.22
CA PRO A 239 27.15 -9.46 -6.62
C PRO A 239 27.41 -9.30 -5.14
N GLU A 240 27.56 -8.08 -4.64
CA GLU A 240 27.80 -7.88 -3.21
C GLU A 240 26.51 -8.04 -2.43
N LYS A 241 26.66 -8.28 -1.12
CA LYS A 241 25.52 -8.40 -0.21
C LYS A 241 25.00 -7.00 0.14
N LEU A 242 24.45 -6.35 -0.88
CA LEU A 242 23.84 -5.03 -0.74
C LEU A 242 22.42 -5.09 -1.29
N PRO A 243 21.41 -4.72 -0.52
CA PRO A 243 20.05 -4.63 -1.10
C PRO A 243 20.01 -3.55 -2.17
N ALA A 244 18.96 -3.61 -3.00
CA ALA A 244 18.85 -2.66 -4.10
C ALA A 244 18.97 -1.22 -3.62
N THR A 245 18.41 -0.92 -2.44
CA THR A 245 18.49 0.43 -1.87
C THR A 245 19.92 0.92 -1.73
N LEU A 246 20.87 0.03 -1.47
CA LEU A 246 22.26 0.38 -1.23
C LEU A 246 23.20 -0.04 -2.35
N SER A 247 22.67 -0.39 -3.52
CA SER A 247 23.46 -0.97 -4.60
C SER A 247 23.59 0.00 -5.76
N SER A 248 24.82 0.44 -6.05
CA SER A 248 25.00 1.27 -7.24
C SER A 248 24.69 0.48 -8.50
N ASN A 249 24.90 -0.85 -8.48
CA ASN A 249 24.54 -1.67 -9.64
C ASN A 249 23.05 -1.59 -9.95
N VAL A 250 22.20 -1.60 -8.93
CA VAL A 250 20.76 -1.56 -9.16
C VAL A 250 20.31 -0.14 -9.49
N ILE A 251 20.81 0.86 -8.78
CA ILE A 251 20.26 2.20 -8.94
C ILE A 251 21.00 2.94 -10.05
N GLU A 252 22.29 3.25 -9.86
CA GLU A 252 23.00 3.97 -10.91
C GLU A 252 23.09 3.14 -12.18
N GLY A 253 23.37 1.85 -12.04
CA GLY A 253 23.56 1.00 -13.19
C GLY A 253 22.29 0.68 -13.92
N LEU A 254 21.35 0.04 -13.23
CA LEU A 254 20.17 -0.50 -13.90
C LEU A 254 19.09 0.57 -14.06
N LEU A 255 18.71 1.24 -12.97
CA LEU A 255 17.61 2.21 -13.03
C LEU A 255 18.00 3.47 -13.80
N ARG A 256 19.12 4.09 -13.40
CA ARG A 256 19.55 5.32 -14.05
C ARG A 256 20.21 5.05 -15.40
N GLY A 257 21.02 4.01 -15.47
CA GLY A 257 21.78 3.73 -16.69
C GLY A 257 20.97 2.97 -17.72
N GLU A 258 20.69 1.70 -17.46
CA GLU A 258 20.00 0.87 -18.43
C GLU A 258 18.61 1.42 -18.74
N LEU A 259 17.88 1.86 -17.70
CA LEU A 259 16.51 2.31 -17.87
C LEU A 259 16.40 3.81 -18.09
N GLY A 260 17.50 4.56 -17.96
CA GLY A 260 17.50 5.98 -18.27
C GLY A 260 16.70 6.85 -17.33
N TYR A 261 16.42 6.40 -16.11
CA TYR A 261 15.56 7.16 -15.23
C TYR A 261 16.34 8.29 -14.58
N ASP A 262 15.92 9.54 -14.83
CA ASP A 262 16.54 10.71 -14.22
C ASP A 262 15.63 11.41 -13.23
N GLY A 263 14.55 10.75 -12.81
CA GLY A 263 13.65 11.31 -11.83
C GLY A 263 14.13 11.05 -10.41
N VAL A 264 13.21 11.28 -9.46
CA VAL A 264 13.53 11.18 -8.05
C VAL A 264 13.52 9.71 -7.63
N VAL A 265 14.58 9.27 -6.97
CA VAL A 265 14.65 7.92 -6.43
C VAL A 265 14.61 8.01 -4.91
N VAL A 266 13.63 7.33 -4.32
CA VAL A 266 13.40 7.34 -2.88
C VAL A 266 13.82 6.01 -2.29
N THR A 267 14.48 6.04 -1.14
CA THR A 267 14.70 4.78 -0.44
C THR A 267 13.39 4.31 0.16
N ASP A 268 13.22 3.00 0.24
CA ASP A 268 12.21 2.48 1.14
C ASP A 268 12.66 2.90 2.56
N CSD A 269 11.76 2.82 3.53
CA CSD A 269 12.05 3.29 4.87
CB CSD A 269 10.87 2.97 5.79
SG CSD A 269 11.16 3.48 7.45
C CSD A 269 13.33 2.70 5.49
O CSD A 269 13.51 1.49 5.59
OD1 CSD A 269 9.87 3.26 8.10
OD2 CSD A 269 11.13 5.14 7.20
N LEU A 270 14.26 3.55 5.88
CA LEU A 270 15.56 3.08 6.37
C LEU A 270 15.49 2.43 7.76
N GLU A 271 14.41 2.67 8.49
CA GLU A 271 14.23 2.06 9.80
C GLU A 271 13.89 0.57 9.72
N MET A 272 13.52 0.07 8.54
CA MET A 272 13.24 -1.35 8.36
C MET A 272 14.47 -2.20 8.66
N ASN A 273 14.22 -3.41 9.20
CA ASN A 273 15.31 -4.30 9.61
C ASN A 273 16.31 -4.54 8.49
N ALA A 274 15.83 -4.65 7.25
CA ALA A 274 16.75 -4.95 6.15
C ALA A 274 17.89 -3.95 6.07
N ILE A 275 17.66 -2.70 6.49
CA ILE A 275 18.70 -1.68 6.55
C ILE A 275 19.22 -1.46 7.96
N SER A 276 18.32 -1.18 8.91
CA SER A 276 18.76 -0.71 10.23
C SER A 276 19.52 -1.78 10.98
N LYS A 277 19.19 -3.05 10.80
CA LYS A 277 19.83 -4.11 11.54
C LYS A 277 21.12 -4.60 10.88
N PHE A 278 21.19 -4.53 9.55
CA PHE A 278 22.37 -5.02 8.85
C PHE A 278 23.35 -3.91 8.46
N TYR A 279 22.89 -2.67 8.35
CA TYR A 279 23.77 -1.61 7.83
C TYR A 279 23.78 -0.35 8.70
N GLY A 280 22.69 -0.05 9.41
CA GLY A 280 22.55 1.17 10.21
C GLY A 280 21.92 2.31 9.41
N VAL A 281 21.19 3.17 10.12
CA VAL A 281 20.42 4.23 9.44
C VAL A 281 21.37 5.31 8.89
N GLY A 282 22.31 5.80 9.71
CA GLY A 282 23.19 6.85 9.26
C GLY A 282 24.07 6.41 8.09
N GLU A 283 24.71 5.26 8.23
CA GLU A 283 25.55 4.74 7.16
C GLU A 283 24.72 4.21 5.99
N GLY A 284 23.51 3.72 6.28
CA GLY A 284 22.61 3.39 5.18
C GLY A 284 22.23 4.62 4.36
N ALA A 285 21.99 5.74 5.04
CA ALA A 285 21.70 6.99 4.34
C ALA A 285 22.83 7.35 3.37
N VAL A 286 24.06 7.35 3.88
CA VAL A 286 25.22 7.66 3.04
C VAL A 286 25.33 6.68 1.89
N GLN A 287 25.18 5.39 2.18
CA GLN A 287 25.34 4.38 1.13
C GLN A 287 24.22 4.47 0.10
N ALA A 288 23.01 4.85 0.53
CA ALA A 288 21.91 5.02 -0.42
C ALA A 288 22.19 6.16 -1.41
N VAL A 289 22.69 7.29 -0.93
CA VAL A 289 23.04 8.37 -1.85
C VAL A 289 24.15 7.92 -2.78
N GLU A 290 25.17 7.24 -2.23
CA GLU A 290 26.26 6.76 -3.07
C GLU A 290 25.76 5.80 -4.13
N ALA A 291 24.75 4.98 -3.81
CA ALA A 291 24.20 4.04 -4.78
C ALA A 291 23.40 4.74 -5.86
N GLY A 292 22.87 5.94 -5.61
CA GLY A 292 22.13 6.66 -6.62
C GLY A 292 20.81 7.27 -6.17
N ALA A 293 20.41 7.05 -4.92
CA ALA A 293 19.14 7.58 -4.43
C ALA A 293 19.21 9.10 -4.20
N ASP A 294 18.05 9.74 -4.32
CA ASP A 294 17.94 11.18 -4.07
C ASP A 294 17.31 11.50 -2.74
N LEU A 295 16.34 10.70 -2.30
CA LEU A 295 15.51 11.06 -1.16
C LEU A 295 15.57 9.91 -0.16
N ILE A 296 16.06 10.23 1.05
CA ILE A 296 16.27 9.27 2.13
C ILE A 296 15.05 9.32 3.04
N LEU A 297 14.34 8.20 3.14
CA LEU A 297 13.11 8.14 3.93
C LEU A 297 13.41 7.60 5.33
N VAL A 298 13.11 8.39 6.36
CA VAL A 298 13.29 7.95 7.74
C VAL A 298 12.01 8.34 8.49
N SER A 299 11.08 7.38 8.60
CA SER A 299 9.68 7.73 8.85
C SER A 299 9.33 8.07 10.31
N HIS A 300 10.07 7.55 11.29
CA HIS A 300 9.47 7.51 12.62
C HIS A 300 10.29 8.14 13.74
N ARG A 301 11.53 7.71 13.92
CA ARG A 301 12.30 8.07 15.11
C ARG A 301 13.17 9.28 14.82
N TYR A 302 12.94 10.37 15.56
CA TYR A 302 13.72 11.59 15.37
C TYR A 302 15.22 11.34 15.48
N GLU A 303 15.64 10.49 16.43
CA GLU A 303 17.06 10.20 16.60
C GLU A 303 17.66 9.63 15.32
N ARG A 304 16.93 8.74 14.65
CA ARG A 304 17.43 8.15 13.41
C ARG A 304 17.37 9.14 12.26
N GLN A 305 16.39 10.05 12.27
CA GLN A 305 16.33 11.10 11.26
C GLN A 305 17.56 12.01 11.37
N LYS A 306 17.88 12.44 12.59
CA LYS A 306 19.07 13.27 12.81
C LYS A 306 20.34 12.51 12.50
N ALA A 307 20.37 11.20 12.77
CA ALA A 307 21.57 10.43 12.44
C ALA A 307 21.81 10.40 10.94
N ALA A 308 20.75 10.23 10.14
CA ALA A 308 20.90 10.26 8.68
C ALA A 308 21.38 11.63 8.22
N LEU A 309 20.76 12.70 8.72
CA LEU A 309 21.16 14.05 8.34
C LEU A 309 22.62 14.33 8.69
N ASP A 310 23.03 13.95 9.91
CA ASP A 310 24.41 14.13 10.35
C ASP A 310 25.37 13.30 9.52
N ALA A 311 25.01 12.04 9.22
CA ALA A 311 25.90 11.19 8.45
C ALA A 311 26.06 11.71 7.02
N LEU A 312 24.99 12.22 6.41
CA LEU A 312 25.08 12.74 5.05
C LEU A 312 25.97 13.99 5.01
N LEU A 313 25.78 14.89 5.96
CA LEU A 313 26.62 16.08 6.04
C LEU A 313 28.09 15.69 6.25
N ALA A 314 28.35 14.76 7.17
CA ALA A 314 29.73 14.36 7.45
C ALA A 314 30.37 13.72 6.22
N ALA A 315 29.58 12.97 5.44
CA ALA A 315 30.12 12.33 4.25
C ALA A 315 30.52 13.36 3.20
N VAL A 316 29.77 14.45 3.06
CA VAL A 316 30.21 15.51 2.15
C VAL A 316 31.44 16.21 2.72
N GLU A 317 31.45 16.45 4.03
CA GLU A 317 32.55 17.19 4.62
C GLU A 317 33.85 16.39 4.63
N SER A 318 33.75 15.06 4.59
CA SER A 318 34.92 14.19 4.55
C SER A 318 35.32 13.79 3.13
N GLY A 319 34.65 14.32 2.12
CA GLY A 319 34.99 14.01 0.74
C GLY A 319 34.45 12.69 0.22
N ARG A 320 33.59 12.00 0.98
CA ARG A 320 33.05 10.73 0.50
C ARG A 320 31.97 10.91 -0.54
N ILE A 321 31.16 11.97 -0.43
CA ILE A 321 30.15 12.32 -1.42
C ILE A 321 30.52 13.67 -1.99
N SER A 322 30.53 13.75 -3.32
CA SER A 322 31.03 14.92 -4.05
C SER A 322 29.97 16.02 -4.13
N GLU A 323 30.45 17.22 -4.44
CA GLU A 323 29.58 18.38 -4.57
C GLU A 323 28.60 18.20 -5.73
N GLU A 324 29.10 17.73 -6.89
CA GLU A 324 28.20 17.47 -8.01
C GLU A 324 27.13 16.46 -7.64
N ARG A 325 27.52 15.39 -6.93
CA ARG A 325 26.57 14.34 -6.59
C ARG A 325 25.40 14.89 -5.78
N ILE A 326 25.69 15.71 -4.77
CA ILE A 326 24.63 16.32 -3.96
C ILE A 326 23.75 17.22 -4.82
N ASP A 327 24.36 18.08 -5.63
CA ASP A 327 23.60 18.95 -6.51
C ASP A 327 22.74 18.16 -7.49
N ARG A 328 23.21 17.00 -7.94
CA ARG A 328 22.44 16.16 -8.85
C ARG A 328 21.09 15.79 -8.23
N SER A 329 21.10 15.29 -6.98
CA SER A 329 19.84 14.94 -6.33
C SER A 329 19.01 16.16 -6.01
N VAL A 330 19.64 17.23 -5.51
CA VAL A 330 18.89 18.45 -5.23
C VAL A 330 18.17 18.94 -6.47
N GLY A 331 18.84 18.87 -7.64
CA GLY A 331 18.22 19.31 -8.86
C GLY A 331 16.97 18.51 -9.21
N ARG A 332 17.03 17.20 -9.03
CA ARG A 332 15.87 16.37 -9.31
C ARG A 332 14.72 16.67 -8.36
N LEU A 333 15.03 16.87 -7.07
CA LEU A 333 13.98 17.17 -6.10
C LEU A 333 13.36 18.55 -6.34
N LEU A 334 14.17 19.55 -6.63
CA LEU A 334 13.62 20.87 -6.92
C LEU A 334 12.76 20.86 -8.19
N ALA A 335 13.16 20.07 -9.20
CA ALA A 335 12.37 19.99 -10.43
C ALA A 335 11.01 19.36 -10.17
N LEU A 336 10.97 18.30 -9.38
CA LEU A 336 9.70 17.69 -9.00
C LEU A 336 8.82 18.68 -8.23
N LYS A 337 9.42 19.40 -7.29
CA LYS A 337 8.67 20.34 -6.46
C LYS A 337 8.08 21.46 -7.30
N GLN A 338 8.83 21.95 -8.29
CA GLN A 338 8.29 22.95 -9.21
C GLN A 338 7.15 22.36 -10.05
N ARG A 339 7.32 21.12 -10.50
CA ARG A 339 6.39 20.49 -11.44
C ARG A 339 5.03 20.25 -10.80
N ARG A 340 5.00 19.98 -9.50
CA ARG A 340 3.76 19.75 -8.80
C ARG A 340 3.26 21.01 -8.11
N ALA A 341 3.86 22.17 -8.40
CA ALA A 341 3.46 23.45 -7.83
C ALA A 341 3.20 23.32 -6.33
N VAL A 342 4.19 22.75 -5.63
CA VAL A 342 4.01 22.49 -4.20
C VAL A 342 3.94 23.78 -3.38
N ASP A 343 4.33 24.91 -3.96
CA ASP A 343 4.19 26.18 -3.26
C ASP A 343 2.79 26.78 -3.43
N ALA A 344 1.91 26.15 -4.20
CA ALA A 344 0.59 26.72 -4.45
C ALA A 344 -0.24 26.74 -3.18
N GLY A 345 -1.07 27.78 -3.05
CA GLY A 345 -2.03 27.88 -1.98
C GLY A 345 -3.45 27.85 -2.51
N ALA A 346 -4.40 27.98 -1.58
CA ALA A 346 -5.82 27.98 -1.91
C ALA A 346 -6.60 28.48 -0.70
N ALA A 347 -7.83 28.92 -0.96
CA ALA A 347 -8.75 29.20 0.13
C ALA A 347 -9.03 27.92 0.91
N VAL A 348 -9.24 28.08 2.22
CA VAL A 348 -9.68 26.95 3.03
C VAL A 348 -11.12 26.64 2.65
N THR A 349 -11.39 25.37 2.37
CA THR A 349 -12.76 24.94 2.09
C THR A 349 -13.22 23.85 3.05
N LEU A 350 -12.40 23.47 4.02
CA LEU A 350 -12.70 22.37 4.92
C LEU A 350 -12.74 22.88 6.35
N SER A 351 -13.85 22.65 7.03
CA SER A 351 -14.01 22.90 8.46
C SER A 351 -14.26 21.58 9.16
N SER A 352 -13.96 21.55 10.46
CA SER A 352 -14.15 20.33 11.24
C SER A 352 -15.55 19.77 11.01
N GLY A 353 -15.62 18.46 10.79
CA GLY A 353 -16.85 17.80 10.41
C GLY A 353 -17.06 17.64 8.92
N ASP A 354 -16.30 18.35 8.08
CA ASP A 354 -16.49 18.24 6.64
C ASP A 354 -15.96 16.90 6.13
N THR A 355 -16.57 16.43 5.03
CA THR A 355 -16.13 15.22 4.36
C THR A 355 -15.90 15.49 2.88
N LEU A 356 -14.97 14.73 2.29
CA LEU A 356 -14.77 14.78 0.85
C LEU A 356 -15.59 13.73 0.11
N VAL A 357 -16.26 12.84 0.84
CA VAL A 357 -17.06 11.80 0.21
C VAL A 357 -18.22 12.43 -0.55
N THR A 358 -18.47 11.94 -1.77
CA THR A 358 -19.65 12.32 -2.55
C THR A 358 -20.39 11.07 -3.01
N ASP A 359 -21.68 11.23 -3.31
CA ASP A 359 -22.44 10.12 -3.84
C ASP A 359 -21.82 9.61 -5.14
N GLU A 360 -21.32 10.53 -5.97
CA GLU A 360 -20.77 10.15 -7.28
C GLU A 360 -19.50 9.32 -7.14
N LYS A 361 -18.58 9.71 -6.25
CA LYS A 361 -17.35 8.95 -6.08
C LYS A 361 -17.62 7.61 -5.39
N THR A 362 -18.50 7.60 -4.40
CA THR A 362 -18.83 6.35 -3.73
C THR A 362 -19.48 5.38 -4.69
N GLU A 363 -20.42 5.85 -5.51
CA GLU A 363 -21.07 4.94 -6.46
C GLU A 363 -20.11 4.46 -7.54
N LEU A 364 -19.16 5.32 -7.93
CA LEU A 364 -18.14 4.89 -8.88
C LEU A 364 -17.31 3.73 -8.34
N VAL A 365 -16.84 3.82 -7.09
CA VAL A 365 -15.99 2.75 -6.56
C VAL A 365 -16.83 1.51 -6.27
N GLU A 366 -18.11 1.70 -5.92
CA GLU A 366 -19.01 0.54 -5.79
C GLU A 366 -19.09 -0.23 -7.10
N ARG A 367 -19.18 0.48 -8.23
CA ARG A 367 -19.25 -0.21 -9.51
C ARG A 367 -17.95 -0.92 -9.84
N ILE A 368 -16.81 -0.40 -9.38
CA ILE A 368 -15.53 -1.10 -9.55
C ILE A 368 -15.55 -2.43 -8.81
N SER A 369 -15.97 -2.42 -7.54
CA SER A 369 -15.93 -3.64 -6.74
C SER A 369 -16.90 -4.69 -7.28
N GLU A 370 -18.03 -4.26 -7.87
CA GLU A 370 -18.94 -5.22 -8.49
C GLU A 370 -18.24 -6.04 -9.57
N LYS A 371 -17.25 -5.45 -10.26
CA LYS A 371 -16.52 -6.16 -11.31
C LYS A 371 -15.39 -7.03 -10.76
N SER A 372 -15.07 -6.90 -9.48
CA SER A 372 -13.87 -7.50 -8.88
C SER A 372 -14.13 -8.85 -8.23
N ILE A 373 -15.27 -9.03 -7.55
CA ILE A 373 -15.53 -10.27 -6.82
C ILE A 373 -15.35 -11.48 -7.72
N THR A 374 -14.61 -12.47 -7.22
CA THR A 374 -14.18 -13.62 -8.01
C THR A 374 -14.64 -14.90 -7.34
N LEU A 375 -15.09 -15.87 -8.14
CA LEU A 375 -15.48 -17.18 -7.64
C LEU A 375 -14.39 -18.17 -8.04
N LEU A 376 -13.71 -18.75 -7.06
CA LEU A 376 -12.62 -19.68 -7.34
C LEU A 376 -13.06 -21.13 -7.29
N ARG A 377 -14.11 -21.45 -6.54
CA ARG A 377 -14.51 -22.84 -6.38
C ARG A 377 -15.98 -22.88 -6.01
N SER A 378 -16.73 -23.80 -6.61
CA SER A 378 -18.12 -24.01 -6.23
C SER A 378 -18.57 -25.36 -6.75
N GLU A 379 -19.63 -25.87 -6.14
CA GLU A 379 -20.16 -27.19 -6.47
C GLU A 379 -21.62 -27.14 -6.93
N GLY A 380 -22.08 -25.99 -7.38
CA GLY A 380 -23.49 -25.82 -7.70
C GLY A 380 -23.98 -24.49 -7.18
N GLU A 381 -25.26 -24.41 -6.82
CA GLU A 381 -25.81 -23.14 -6.37
C GLU A 381 -25.26 -22.77 -5.01
N PHE A 382 -25.02 -21.47 -4.81
CA PHE A 382 -24.49 -20.96 -3.55
C PHE A 382 -25.32 -19.81 -2.98
N THR A 383 -26.27 -19.26 -3.72
CA THR A 383 -26.90 -18.02 -3.28
C THR A 383 -27.68 -18.25 -1.99
N LEU A 384 -27.62 -17.25 -1.10
CA LEU A 384 -28.25 -17.37 0.21
C LEU A 384 -29.76 -17.47 0.10
N ASP A 385 -30.36 -18.24 1.01
CA ASP A 385 -31.81 -18.33 1.13
C ASP A 385 -32.28 -17.26 2.10
N LYS A 386 -32.98 -16.24 1.58
CA LYS A 386 -33.38 -15.10 2.39
C LYS A 386 -34.39 -15.48 3.48
N THR A 387 -35.06 -16.62 3.33
CA THR A 387 -36.03 -17.07 4.34
C THR A 387 -35.37 -17.75 5.53
N LYS A 388 -34.04 -17.91 5.51
CA LYS A 388 -33.36 -18.57 6.60
C LYS A 388 -32.32 -17.62 7.20
N PRO A 389 -31.98 -17.77 8.49
CA PRO A 389 -30.95 -16.93 9.09
C PRO A 389 -29.60 -17.19 8.45
N VAL A 390 -28.70 -16.23 8.60
CA VAL A 390 -27.35 -16.31 8.07
C VAL A 390 -26.38 -15.99 9.19
N LEU A 391 -25.43 -16.88 9.42
CA LEU A 391 -24.35 -16.61 10.35
C LEU A 391 -23.16 -16.08 9.54
N VAL A 392 -22.76 -14.84 9.81
CA VAL A 392 -21.57 -14.27 9.19
C VAL A 392 -20.46 -14.22 10.24
N VAL A 393 -19.32 -14.81 9.90
CA VAL A 393 -18.13 -14.78 10.75
C VAL A 393 -17.21 -13.70 10.22
N TRP A 394 -16.98 -12.65 11.01
CA TRP A 394 -16.31 -11.46 10.54
C TRP A 394 -14.98 -11.30 11.26
N PRO A 395 -13.85 -11.27 10.54
CA PRO A 395 -12.55 -11.17 11.20
C PRO A 395 -12.11 -9.73 11.41
N GLU A 396 -11.40 -9.50 12.50
CA GLU A 396 -10.86 -8.16 12.77
C GLU A 396 -9.41 -8.29 13.19
N VAL A 397 -8.57 -7.40 12.65
CA VAL A 397 -7.18 -7.34 13.05
C VAL A 397 -7.09 -6.73 14.44
N ARG A 398 -6.39 -7.41 15.35
CA ARG A 398 -6.28 -6.93 16.72
C ARG A 398 -4.87 -6.54 17.12
N VAL A 399 -3.84 -7.19 16.55
CA VAL A 399 -2.45 -6.78 16.69
C VAL A 399 -1.96 -6.34 15.32
N GLY A 400 -1.64 -5.05 15.19
CA GLY A 400 -1.41 -4.45 13.89
C GLY A 400 0.05 -4.23 13.55
N SER A 401 0.28 -4.02 12.26
CA SER A 401 1.53 -3.49 11.72
C SER A 401 1.14 -2.47 10.65
N GLU A 402 2.13 -1.96 9.92
CA GLU A 402 1.83 -0.99 8.88
C GLU A 402 1.39 -1.66 7.57
N VAL A 403 1.69 -2.95 7.39
CA VAL A 403 1.13 -3.71 6.28
C VAL A 403 -0.28 -4.19 6.62
N ASP A 404 -0.46 -4.65 7.86
CA ASP A 404 -1.74 -5.20 8.33
C ASP A 404 -2.15 -4.39 9.57
N GLU A 405 -2.92 -3.33 9.34
CA GLU A 405 -3.23 -2.37 10.40
C GLU A 405 -4.52 -2.73 11.11
N VAL A 406 -4.60 -2.34 12.39
CA VAL A 406 -5.88 -2.30 13.11
C VAL A 406 -6.73 -1.21 12.47
N LEU A 407 -7.74 -1.62 11.73
CA LEU A 407 -8.49 -0.73 10.85
C LEU A 407 -9.94 -1.19 10.89
N PRO A 408 -10.72 -0.69 11.85
CA PRO A 408 -12.11 -1.19 11.99
C PRO A 408 -12.95 -0.78 10.80
N ARG A 409 -13.85 -1.69 10.42
CA ARG A 409 -14.76 -1.48 9.30
C ARG A 409 -16.18 -1.55 9.81
N LYS A 410 -16.96 -0.48 9.59
CA LYS A 410 -18.37 -0.49 9.95
C LYS A 410 -19.22 -1.19 8.89
N GLU A 411 -18.92 -0.96 7.61
CA GLU A 411 -19.73 -1.53 6.53
C GLU A 411 -19.22 -2.95 6.21
N THR A 412 -19.51 -3.85 7.15
CA THR A 412 -19.13 -5.26 7.06
C THR A 412 -20.02 -5.98 6.05
N LEU A 413 -19.66 -7.24 5.76
CA LEU A 413 -20.56 -8.06 4.95
C LEU A 413 -21.93 -8.18 5.63
N GLY A 414 -21.94 -8.36 6.95
CA GLY A 414 -23.20 -8.44 7.67
C GLY A 414 -24.01 -7.16 7.54
N TYR A 415 -23.33 -6.01 7.60
CA TYR A 415 -23.98 -4.72 7.38
C TYR A 415 -24.74 -4.70 6.05
N TRP A 416 -24.08 -5.12 4.96
CA TRP A 416 -24.76 -5.05 3.67
C TRP A 416 -25.84 -6.11 3.54
N LEU A 417 -25.62 -7.31 4.09
CA LEU A 417 -26.67 -8.31 4.02
C LEU A 417 -27.89 -7.85 4.80
N LYS A 418 -27.67 -7.24 5.97
CA LYS A 418 -28.77 -6.66 6.75
C LYS A 418 -29.50 -5.58 5.97
N SER A 419 -28.76 -4.74 5.26
CA SER A 419 -29.43 -3.70 4.48
C SER A 419 -30.29 -4.28 3.37
N ALA A 420 -30.00 -5.51 2.93
CA ALA A 420 -30.80 -6.17 1.91
C ALA A 420 -31.99 -6.91 2.48
N GLY A 421 -32.18 -6.88 3.80
CA GLY A 421 -33.30 -7.56 4.42
C GLY A 421 -33.04 -8.96 4.91
N TYR A 422 -31.78 -9.39 4.97
CA TYR A 422 -31.46 -10.72 5.47
C TYR A 422 -31.38 -10.71 7.00
N ASP A 423 -31.72 -11.85 7.58
CA ASP A 423 -31.70 -12.08 9.02
C ASP A 423 -30.32 -12.58 9.39
N VAL A 424 -29.47 -11.68 9.87
CA VAL A 424 -28.03 -11.92 9.97
C VAL A 424 -27.62 -11.92 11.44
N ASN A 425 -26.87 -12.95 11.83
CA ASN A 425 -26.11 -12.95 13.07
C ASN A 425 -24.65 -12.79 12.67
N GLU A 426 -24.09 -11.58 12.84
CA GLU A 426 -22.68 -11.34 12.53
C GLU A 426 -21.83 -11.41 13.79
N GLN A 427 -20.91 -12.36 13.83
CA GLN A 427 -20.01 -12.58 14.95
C GLN A 427 -18.61 -12.15 14.55
N THR A 428 -18.05 -11.21 15.31
CA THR A 428 -16.69 -10.74 15.05
C THR A 428 -15.70 -11.58 15.85
N ILE A 429 -14.68 -12.08 15.15
CA ILE A 429 -13.63 -12.88 15.78
C ILE A 429 -12.28 -12.31 15.35
N GLY A 430 -11.25 -12.70 16.08
CA GLY A 430 -9.91 -12.26 15.73
C GLY A 430 -9.38 -13.00 14.52
N VAL A 431 -8.50 -12.32 13.79
CA VAL A 431 -7.82 -12.97 12.66
C VAL A 431 -7.07 -14.20 13.15
N GLN A 432 -6.56 -14.15 14.37
CA GLN A 432 -6.15 -15.33 15.12
C GLN A 432 -7.19 -15.54 16.22
N PRO A 433 -8.26 -16.30 15.95
CA PRO A 433 -9.38 -16.35 16.89
C PRO A 433 -9.00 -17.04 18.19
N THR A 434 -9.59 -16.56 19.28
CA THR A 434 -9.40 -17.19 20.57
C THR A 434 -10.12 -18.54 20.62
N GLU A 435 -9.75 -19.35 21.62
CA GLU A 435 -10.39 -20.65 21.76
C GLU A 435 -11.88 -20.50 22.01
N GLU A 436 -12.26 -19.47 22.77
CA GLU A 436 -13.67 -19.26 23.05
C GLU A 436 -14.43 -18.82 21.81
N GLU A 437 -13.83 -17.92 21.02
CA GLU A 437 -14.47 -17.52 19.77
C GLU A 437 -14.70 -18.72 18.86
N VAL A 438 -13.69 -19.58 18.73
CA VAL A 438 -13.82 -20.77 17.90
C VAL A 438 -14.96 -21.66 18.41
N ALA A 439 -15.00 -21.89 19.72
CA ALA A 439 -16.08 -22.69 20.30
C ALA A 439 -17.43 -22.01 20.10
N HIS A 440 -17.46 -20.68 20.22
CA HIS A 440 -18.71 -19.96 20.01
C HIS A 440 -19.22 -20.10 18.57
N ILE A 441 -18.30 -20.03 17.59
CA ILE A 441 -18.72 -20.15 16.20
C ILE A 441 -19.22 -21.56 15.92
N GLN A 442 -18.51 -22.58 16.39
CA GLN A 442 -18.94 -23.95 16.16
C GLN A 442 -20.31 -24.20 16.77
N GLU A 443 -20.58 -23.59 17.92
CA GLU A 443 -21.88 -23.76 18.56
C GLU A 443 -22.98 -23.09 17.75
N LEU A 444 -22.78 -21.84 17.35
CA LEU A 444 -23.80 -21.13 16.59
C LEU A 444 -24.07 -21.79 15.24
N SER A 445 -23.06 -22.45 14.67
CA SER A 445 -23.25 -23.16 13.41
C SER A 445 -24.16 -24.37 13.57
N GLY A 446 -24.30 -24.89 14.80
CA GLY A 446 -25.30 -25.91 15.04
C GLY A 446 -26.71 -25.38 15.09
N GLN A 447 -26.86 -24.08 15.30
CA GLN A 447 -28.17 -23.45 15.34
C GLN A 447 -28.52 -22.69 14.07
N ILE A 448 -27.52 -22.28 13.29
CA ILE A 448 -27.73 -21.56 12.03
C ILE A 448 -26.94 -22.29 10.95
N SER A 449 -27.64 -22.91 10.01
CA SER A 449 -26.95 -23.78 9.05
C SER A 449 -26.32 -23.01 7.88
N GLN A 450 -26.88 -21.85 7.51
CA GLN A 450 -26.27 -20.98 6.51
C GLN A 450 -25.15 -20.18 7.16
N VAL A 451 -23.91 -20.51 6.82
CA VAL A 451 -22.73 -19.86 7.40
C VAL A 451 -21.88 -19.27 6.28
N VAL A 452 -21.55 -17.99 6.40
CA VAL A 452 -20.55 -17.35 5.54
C VAL A 452 -19.39 -16.94 6.43
N VAL A 453 -18.22 -17.53 6.20
CA VAL A 453 -17.01 -17.07 6.86
C VAL A 453 -16.29 -16.12 5.92
N VAL A 454 -16.06 -14.90 6.38
CA VAL A 454 -15.13 -14.00 5.72
C VAL A 454 -13.75 -14.33 6.26
N SER A 455 -12.88 -14.86 5.40
CA SER A 455 -11.53 -15.17 5.83
C SER A 455 -10.61 -13.97 5.61
N TYR A 456 -9.51 -13.94 6.37
CA TYR A 456 -8.58 -12.82 6.33
C TYR A 456 -7.18 -13.40 6.53
N ASN A 457 -6.49 -13.64 5.42
CA ASN A 457 -5.18 -14.30 5.42
C ASN A 457 -5.20 -15.56 6.29
N ALA A 458 -6.24 -16.38 6.11
CA ALA A 458 -6.30 -17.70 6.74
C ALA A 458 -5.09 -18.55 6.40
N ILE A 459 -4.47 -18.32 5.23
CA ILE A 459 -3.26 -19.03 4.84
C ILE A 459 -2.11 -18.76 5.81
N PHE A 460 -2.14 -17.62 6.52
CA PHE A 460 -1.12 -17.29 7.51
C PHE A 460 -1.63 -17.42 8.95
N SER A 461 -2.85 -17.95 9.17
CA SER A 461 -3.42 -17.99 10.51
C SER A 461 -4.01 -19.39 10.71
N PRO A 462 -3.22 -20.32 11.28
CA PRO A 462 -3.67 -21.72 11.39
C PRO A 462 -4.97 -21.91 12.17
N ASP A 463 -5.20 -21.16 13.25
CA ASP A 463 -6.43 -21.34 14.01
C ASP A 463 -7.65 -20.87 13.24
N GLN A 464 -7.48 -19.84 12.40
CA GLN A 464 -8.56 -19.41 11.51
C GLN A 464 -8.86 -20.49 10.48
N ALA A 465 -7.81 -21.03 9.84
CA ALA A 465 -8.04 -22.04 8.81
C ALA A 465 -8.64 -23.30 9.40
N ALA A 466 -8.24 -23.67 10.61
CA ALA A 466 -8.76 -24.87 11.24
C ALA A 466 -10.24 -24.73 11.56
N LEU A 467 -10.66 -23.55 12.04
CA LEU A 467 -12.08 -23.29 12.26
C LEU A 467 -12.86 -23.46 10.96
N ILE A 468 -12.36 -22.87 9.87
CA ILE A 468 -13.06 -22.96 8.59
C ILE A 468 -13.15 -24.41 8.13
N GLU A 469 -12.03 -25.14 8.19
CA GLU A 469 -12.05 -26.55 7.80
C GLU A 469 -12.99 -27.37 8.67
N ALA A 470 -13.11 -27.01 9.95
CA ALA A 470 -14.05 -27.71 10.83
C ALA A 470 -15.49 -27.48 10.39
N LEU A 471 -15.83 -26.21 10.11
CA LEU A 471 -17.17 -25.90 9.63
C LEU A 471 -17.44 -26.58 8.30
N ALA A 472 -16.42 -26.69 7.45
CA ALA A 472 -16.59 -27.32 6.15
C ALA A 472 -16.88 -28.81 6.26
N ALA A 473 -16.50 -29.43 7.38
CA ALA A 473 -16.73 -30.85 7.59
C ALA A 473 -18.07 -31.16 8.25
N LYS A 474 -18.81 -30.14 8.69
CA LYS A 474 -20.10 -30.37 9.33
C LYS A 474 -21.18 -30.62 8.28
N PRO A 475 -21.79 -31.80 8.24
CA PRO A 475 -22.78 -32.09 7.17
C PRO A 475 -24.06 -31.28 7.31
N ASP A 476 -24.32 -30.69 8.47
CA ASP A 476 -25.50 -29.88 8.70
C ASP A 476 -25.29 -28.41 8.37
N VAL A 477 -24.12 -28.04 7.84
CA VAL A 477 -23.76 -26.65 7.59
C VAL A 477 -23.60 -26.46 6.08
N GLN A 478 -24.18 -25.38 5.57
CA GLN A 478 -23.91 -24.93 4.20
C GLN A 478 -22.96 -23.75 4.31
N LEU A 479 -21.68 -24.00 4.05
CA LEU A 479 -20.61 -23.04 4.32
C LEU A 479 -20.18 -22.39 3.01
N ILE A 480 -20.13 -21.06 3.00
CA ILE A 480 -19.47 -20.28 1.96
C ILE A 480 -18.29 -19.54 2.60
N VAL A 481 -17.14 -19.55 1.93
CA VAL A 481 -15.98 -18.77 2.39
C VAL A 481 -15.72 -17.67 1.37
N ALA A 482 -15.52 -16.45 1.87
CA ALA A 482 -15.16 -15.31 1.04
C ALA A 482 -13.93 -14.66 1.65
N SER A 483 -12.83 -14.67 0.91
CA SER A 483 -11.59 -14.10 1.43
C SER A 483 -11.61 -12.59 1.25
N ALA A 484 -11.28 -11.88 2.32
CA ALA A 484 -11.25 -10.42 2.32
C ALA A 484 -9.83 -9.87 2.46
N ARG A 485 -8.82 -10.73 2.34
CA ARG A 485 -7.49 -10.22 2.03
C ARG A 485 -6.88 -11.13 0.95
N ASN A 486 -5.77 -11.82 1.23
CA ASN A 486 -5.14 -12.58 0.14
C ASN A 486 -6.08 -13.67 -0.35
N PRO A 487 -6.22 -13.87 -1.66
CA PRO A 487 -7.10 -14.93 -2.18
C PRO A 487 -6.51 -16.31 -2.03
N PHE A 488 -5.24 -16.41 -1.63
CA PHE A 488 -4.54 -17.69 -1.53
C PHE A 488 -4.98 -18.51 -0.33
N ASP A 489 -5.88 -17.98 0.50
CA ASP A 489 -6.47 -18.75 1.58
C ASP A 489 -7.01 -20.09 1.10
N ILE A 490 -7.55 -20.13 -0.13
CA ILE A 490 -8.15 -21.35 -0.65
C ILE A 490 -7.14 -22.51 -0.62
N ASN A 491 -5.84 -22.20 -0.74
CA ASN A 491 -4.80 -23.22 -0.74
C ASN A 491 -4.71 -23.97 0.58
N ALA A 492 -5.19 -23.36 1.66
CA ALA A 492 -5.18 -23.96 2.98
C ALA A 492 -6.54 -24.54 3.37
N LEU A 493 -7.50 -24.58 2.45
CA LEU A 493 -8.89 -24.93 2.77
C LEU A 493 -9.42 -26.01 1.82
N PRO A 494 -8.84 -27.22 1.86
CA PRO A 494 -9.21 -28.22 0.85
C PRO A 494 -10.63 -28.76 0.98
N THR A 495 -11.27 -28.64 2.14
CA THR A 495 -12.62 -29.15 2.35
C THR A 495 -13.70 -28.15 1.96
N VAL A 496 -13.33 -26.88 1.79
CA VAL A 496 -14.32 -25.85 1.47
C VAL A 496 -14.88 -26.10 0.08
N LYS A 497 -16.20 -26.01 -0.06
CA LYS A 497 -16.84 -26.28 -1.35
C LYS A 497 -17.06 -25.02 -2.19
N THR A 498 -17.21 -23.87 -1.55
CA THR A 498 -17.52 -22.61 -2.23
C THR A 498 -16.60 -21.53 -1.68
N PHE A 499 -15.79 -20.94 -2.55
CA PHE A 499 -14.78 -19.96 -2.15
C PHE A 499 -14.80 -18.77 -3.09
N PHE A 500 -14.96 -17.58 -2.54
CA PHE A 500 -14.91 -16.32 -3.26
C PHE A 500 -13.67 -15.54 -2.83
N ALA A 501 -13.21 -14.65 -3.72
CA ALA A 501 -12.18 -13.68 -3.36
C ALA A 501 -12.73 -12.27 -3.52
N ALA A 502 -12.57 -11.46 -2.48
CA ALA A 502 -12.87 -10.04 -2.55
C ALA A 502 -11.63 -9.15 -2.49
N TYR A 503 -10.47 -9.69 -2.10
CA TYR A 503 -9.17 -9.04 -2.11
C TYR A 503 -9.04 -7.90 -1.10
N GLU A 504 -10.05 -7.63 -0.29
CA GLU A 504 -10.04 -6.55 0.68
C GLU A 504 -11.36 -6.61 1.45
N ASN A 505 -11.41 -5.87 2.56
CA ASN A 505 -12.63 -5.79 3.38
C ASN A 505 -13.22 -4.38 3.37
N THR A 506 -13.00 -3.65 2.28
CA THR A 506 -13.51 -2.28 2.13
C THR A 506 -15.04 -2.26 2.08
N PRO A 507 -15.64 -1.09 2.31
CA PRO A 507 -17.11 -1.02 2.19
C PRO A 507 -17.62 -1.47 0.84
N SER A 508 -17.01 -1.02 -0.26
CA SER A 508 -17.52 -1.35 -1.58
C SER A 508 -17.31 -2.82 -1.92
N ALA A 509 -16.22 -3.44 -1.42
CA ALA A 509 -16.00 -4.85 -1.69
C ALA A 509 -17.01 -5.71 -0.95
N MET A 510 -17.37 -5.31 0.27
CA MET A 510 -18.35 -6.09 1.01
C MET A 510 -19.76 -5.88 0.47
N ARG A 511 -20.05 -4.69 -0.04
CA ARG A 511 -21.33 -4.48 -0.72
C ARG A 511 -21.45 -5.38 -1.95
N ALA A 512 -20.41 -5.40 -2.78
CA ALA A 512 -20.42 -6.23 -3.98
C ALA A 512 -20.50 -7.71 -3.61
N LEU A 513 -19.76 -8.12 -2.59
CA LEU A 513 -19.82 -9.51 -2.15
C LEU A 513 -21.23 -9.88 -1.72
N ALA A 514 -21.90 -9.01 -0.97
CA ALA A 514 -23.29 -9.27 -0.57
C ALA A 514 -24.19 -9.41 -1.79
N LEU A 515 -24.00 -8.54 -2.78
CA LEU A 515 -24.84 -8.62 -3.98
C LEU A 515 -24.61 -9.93 -4.73
N VAL A 516 -23.37 -10.43 -4.74
CA VAL A 516 -23.11 -11.72 -5.38
C VAL A 516 -23.80 -12.85 -4.61
N LEU A 517 -23.59 -12.89 -3.30
CA LEU A 517 -24.12 -13.97 -2.46
C LEU A 517 -25.63 -14.02 -2.44
N THR A 518 -26.30 -12.89 -2.69
CA THR A 518 -27.76 -12.86 -2.73
C THR A 518 -28.30 -12.94 -4.16
N GLY A 519 -27.45 -13.22 -5.15
CA GLY A 519 -27.95 -13.39 -6.50
C GLY A 519 -28.37 -12.12 -7.21
N GLN A 520 -27.98 -10.95 -6.70
CA GLN A 520 -28.36 -9.71 -7.35
C GLN A 520 -27.44 -9.36 -8.52
N ILE A 521 -26.15 -9.70 -8.42
CA ILE A 521 -25.23 -9.52 -9.54
C ILE A 521 -24.49 -10.83 -9.76
N ALA A 522 -23.98 -10.98 -10.98
CA ALA A 522 -23.17 -12.14 -11.33
C ALA A 522 -21.70 -11.85 -11.01
N VAL A 523 -20.93 -12.92 -10.84
CA VAL A 523 -19.51 -12.75 -10.63
CA VAL A 523 -19.50 -12.80 -10.64
C VAL A 523 -18.86 -12.42 -11.96
N GLN A 524 -18.01 -11.39 -11.96
CA GLN A 524 -17.27 -11.00 -13.17
C GLN A 524 -15.77 -11.02 -12.97
N GLY A 525 -15.28 -11.13 -11.75
CA GLY A 525 -13.86 -11.00 -11.52
C GLY A 525 -13.09 -12.21 -12.00
N THR A 526 -11.81 -11.99 -12.29
CA THR A 526 -10.90 -13.06 -12.68
C THR A 526 -9.70 -13.05 -11.74
N LEU A 527 -9.37 -14.19 -11.16
CA LEU A 527 -8.23 -14.26 -10.25
C LEU A 527 -6.97 -13.70 -10.93
N PRO A 528 -6.38 -12.63 -10.41
CA PRO A 528 -5.29 -11.96 -11.14
C PRO A 528 -3.88 -12.42 -10.77
N ALA A 529 -3.72 -13.33 -9.82
CA ALA A 529 -2.42 -13.82 -9.40
C ALA A 529 -2.53 -15.30 -9.13
N PRO A 530 -1.44 -16.06 -9.32
CA PRO A 530 -1.55 -17.53 -9.32
C PRO A 530 -1.61 -18.12 -7.93
N LEU A 531 -2.29 -19.26 -7.84
CA LEU A 531 -2.37 -20.00 -6.59
C LEU A 531 -1.10 -20.78 -6.30
N THR A 532 -0.24 -20.99 -7.30
CA THR A 532 1.06 -21.61 -7.15
CA THR A 532 1.06 -21.58 -7.09
C THR A 532 2.12 -20.70 -7.76
N VAL A 533 3.29 -20.66 -7.14
CA VAL A 533 4.35 -19.75 -7.60
C VAL A 533 4.70 -20.02 -9.06
N THR A 534 4.93 -18.95 -9.81
CA THR A 534 5.39 -19.04 -11.19
C THR A 534 6.84 -18.58 -11.28
N VAL A 535 7.53 -19.05 -12.31
CA VAL A 535 8.97 -18.81 -12.47
C VAL A 535 9.31 -17.93 -13.68
C1 NAG B . 7.93 0.54 4.12
C2 NAG B . 7.06 -0.04 2.97
C3 NAG B . 6.77 1.02 1.89
C4 NAG B . 6.27 2.32 2.51
C5 NAG B . 7.27 2.79 3.55
C6 NAG B . 6.89 4.08 4.24
C7 NAG B . 7.17 -2.37 2.14
C8 NAG B . 8.05 -3.40 1.50
N2 NAG B . 7.75 -1.18 2.37
O1 NAG B . 7.90 -0.35 5.18
O3 NAG B . 5.80 0.52 0.98
O4 NAG B . 6.12 3.31 1.51
O5 NAG B . 7.36 1.78 4.56
O6 NAG B . 5.77 3.89 5.10
O7 NAG B . 5.99 -2.58 2.41
C1 GOL C . 4.75 1.41 6.10
O1 GOL C . 6.06 1.71 6.61
C2 GOL C . 4.72 0.03 5.48
O2 GOL C . 5.14 -0.94 6.37
C3 GOL C . 3.27 -0.14 4.99
O3 GOL C . 3.23 -1.33 4.29
#